data_5VD8
#
_entry.id   5VD8
#
_cell.length_a   50.290
_cell.length_b   44.560
_cell.length_c   64.980
_cell.angle_alpha   90.000
_cell.angle_beta   101.940
_cell.angle_gamma   90.000
#
_symmetry.space_group_name_H-M   'P 1 21 1'
#
loop_
_entity.id
_entity.type
_entity.pdbx_description
1 polymer 'Wee1-like protein kinase'
2 non-polymer 6-{[3-chloro-4-(4-methylpiperazin-1-yl)phenyl]amino}-1-[6-(2-hydroxypropan-2-yl)pyridin-2-yl]-2-(prop-2-en-1-yl)-1,2-dihydro-3H-pyrazolo[3,4-d]pyrimidin-3-one
3 non-polymer 'CHLORIDE ION'
4 non-polymer 1,2-ETHANEDIOL
5 water water
#
_entity_poly.entity_id   1
_entity_poly.type   'polypeptide(L)'
_entity_poly.pdbx_seq_one_letter_code
;GAGSMKSRYTTEFHELEKIGSGEFGSVFKCVKRLDGCIYAIKRSKKPLAGSVDEQNALREVYAHAVLGQHSHVVRYFSAW
AEDDHMLIQNEYCNGGSLADAISENYRIMSYFKEAELKDLLLQVGRGLRYIHSMSLVHMDIKPSNIFISRTSIPNAASEE
GDEDDWASNKVMFKIGDLGHVTRISSPQVEEGDSRFLANEVLQENYTHLPKADIFALALTVVCAAGAEPLPRNGDQWHEI
RQGRLPRIPQVLSQEFTELLKVMIHPDPERRPSAMALVKHSVLLSASRK
;
_entity_poly.pdbx_strand_id   A
#
# COMPACT_ATOMS: atom_id res chain seq x y z
N SER A 7 20.18 12.86 -21.69
CA SER A 7 19.12 12.42 -20.79
C SER A 7 19.41 11.02 -20.25
N ARG A 8 19.51 10.91 -18.93
CA ARG A 8 19.77 9.62 -18.29
C ARG A 8 18.64 8.63 -18.55
N TYR A 9 17.41 9.11 -18.46
CA TYR A 9 16.24 8.27 -18.70
C TYR A 9 16.28 7.65 -20.09
N THR A 10 16.44 8.50 -21.10
CA THR A 10 16.52 8.04 -22.49
C THR A 10 17.74 7.14 -22.71
N THR A 11 18.84 7.48 -22.04
CA THR A 11 20.11 6.79 -22.22
C THR A 11 20.09 5.39 -21.63
N GLU A 12 19.67 5.27 -20.37
CA GLU A 12 19.76 4.01 -19.64
C GLU A 12 18.61 3.05 -19.90
N PHE A 13 17.47 3.59 -20.34
CA PHE A 13 16.24 2.81 -20.43
C PHE A 13 15.55 2.97 -21.79
N HIS A 14 14.86 1.91 -22.21
CA HIS A 14 13.95 2.00 -23.33
C HIS A 14 12.52 1.88 -22.81
N GLU A 15 11.71 2.88 -23.14
CA GLU A 15 10.35 2.99 -22.67
C GLU A 15 9.40 2.11 -23.50
N LEU A 16 8.68 1.22 -22.82
CA LEU A 16 7.87 0.20 -23.49
C LEU A 16 6.38 0.52 -23.53
N GLU A 17 5.86 1.01 -22.41
CA GLU A 17 4.42 1.10 -22.21
C GLU A 17 4.13 1.98 -21.01
N LYS A 18 3.14 2.87 -21.14
CA LYS A 18 2.69 3.65 -19.99
C LYS A 18 1.71 2.78 -19.19
N ILE A 19 2.00 2.62 -17.90
CA ILE A 19 1.20 1.73 -17.05
C ILE A 19 0.49 2.50 -15.94
N GLY A 20 0.72 3.81 -15.85
CA GLY A 20 0.01 4.65 -14.90
C GLY A 20 0.09 6.13 -15.23
N SER A 21 -0.91 6.87 -14.78
CA SER A 21 -0.90 8.33 -14.94
C SER A 21 -1.87 9.00 -13.96
N GLY A 22 -1.57 10.25 -13.61
CA GLY A 22 -2.38 11.02 -12.69
C GLY A 22 -1.72 12.36 -12.45
N GLU A 23 -2.11 13.04 -11.39
CA GLU A 23 -1.49 14.29 -11.05
C GLU A 23 -0.08 14.03 -10.59
N PHE A 24 0.22 12.80 -10.27
CA PHE A 24 1.54 12.39 -9.83
C PHE A 24 2.54 12.33 -10.99
N GLY A 25 2.03 12.44 -12.22
CA GLY A 25 2.83 12.29 -13.42
C GLY A 25 2.45 11.03 -14.16
N SER A 26 3.46 10.30 -14.64
CA SER A 26 3.25 9.04 -15.35
C SER A 26 4.21 7.95 -14.89
N VAL A 27 3.80 6.70 -15.01
CA VAL A 27 4.65 5.55 -14.75
C VAL A 27 4.82 4.75 -16.03
N PHE A 28 6.05 4.37 -16.31
CA PHE A 28 6.38 3.62 -17.52
C PHE A 28 7.04 2.29 -17.21
N LYS A 29 6.57 1.24 -17.89
CA LYS A 29 7.30 0.00 -17.96
C LYS A 29 8.49 0.23 -18.89
N CYS A 30 9.70 0.00 -18.40
CA CYS A 30 10.91 0.24 -19.17
C CYS A 30 11.87 -0.93 -19.07
N VAL A 31 12.64 -1.14 -20.13
CA VAL A 31 13.77 -2.07 -20.10
C VAL A 31 15.04 -1.28 -19.88
N LYS A 32 15.83 -1.69 -18.89
CA LYS A 32 17.15 -1.10 -18.72
C LYS A 32 18.09 -1.78 -19.70
N ARG A 33 18.77 -0.96 -20.49
CA ARG A 33 19.61 -1.46 -21.58
C ARG A 33 20.75 -2.34 -21.09
N LEU A 34 21.38 -1.95 -19.98
CA LEU A 34 22.57 -2.64 -19.50
C LEU A 34 22.29 -4.08 -19.07
N ASP A 35 21.20 -4.30 -18.35
CA ASP A 35 20.95 -5.60 -17.73
C ASP A 35 19.75 -6.33 -18.33
N GLY A 36 18.97 -5.63 -19.16
CA GLY A 36 17.85 -6.24 -19.85
C GLY A 36 16.65 -6.51 -18.96
N CYS A 37 16.69 -5.99 -17.74
CA CYS A 37 15.59 -6.20 -16.80
C CYS A 37 14.52 -5.13 -16.97
N ILE A 38 13.31 -5.46 -16.51
CA ILE A 38 12.17 -4.56 -16.62
C ILE A 38 11.96 -3.83 -15.30
N TYR A 39 11.73 -2.52 -15.39
CA TYR A 39 11.52 -1.68 -14.22
C TYR A 39 10.29 -0.80 -14.40
N ALA A 40 9.67 -0.40 -13.30
CA ALA A 40 8.62 0.60 -13.32
C ALA A 40 9.24 1.93 -12.95
N ILE A 41 9.19 2.89 -13.88
CA ILE A 41 9.80 4.20 -13.65
C ILE A 41 8.72 5.27 -13.60
N LYS A 42 8.65 5.98 -12.49
CA LYS A 42 7.73 7.08 -12.32
C LYS A 42 8.41 8.36 -12.76
N ARG A 43 7.74 9.14 -13.61
CA ARG A 43 8.27 10.40 -14.10
C ARG A 43 7.32 11.52 -13.73
N SER A 44 7.80 12.43 -12.90
CA SER A 44 6.97 13.49 -12.33
C SER A 44 7.61 14.86 -12.55
N LYS A 45 6.76 15.88 -12.68
CA LYS A 45 7.25 17.25 -12.71
C LYS A 45 7.89 17.51 -11.35
N LYS A 46 9.08 18.12 -11.33
CA LYS A 46 9.72 18.34 -10.05
C LYS A 46 8.89 19.34 -9.27
N PRO A 47 8.48 18.97 -8.05
CA PRO A 47 7.54 19.82 -7.31
C PRO A 47 8.14 21.13 -6.85
N LEU A 48 7.28 22.10 -6.57
CA LEU A 48 7.70 23.37 -6.01
C LEU A 48 8.44 23.12 -4.70
N ALA A 49 9.55 23.82 -4.49
CA ALA A 49 10.33 23.67 -3.28
C ALA A 49 9.51 24.02 -2.03
N GLY A 50 9.61 23.18 -1.01
CA GLY A 50 8.91 23.42 0.24
C GLY A 50 7.41 23.14 0.17
N SER A 51 7.00 22.41 -0.87
CA SER A 51 5.58 22.15 -1.11
C SER A 51 5.16 20.78 -0.58
N VAL A 52 3.85 20.54 -0.53
CA VAL A 52 3.30 19.24 -0.18
C VAL A 52 3.91 18.15 -1.05
N ASP A 53 4.00 18.44 -2.34
CA ASP A 53 4.51 17.49 -3.32
C ASP A 53 5.96 17.13 -3.06
N GLU A 54 6.73 18.09 -2.53
CA GLU A 54 8.16 17.87 -2.29
C GLU A 54 8.39 17.00 -1.04
N GLN A 55 7.69 17.31 0.04
CA GLN A 55 7.87 16.55 1.28
C GLN A 55 7.43 15.10 1.06
N ASN A 56 6.37 14.93 0.27
CA ASN A 56 5.89 13.60 -0.08
C ASN A 56 6.94 12.85 -0.90
N ALA A 57 7.54 13.56 -1.85
CA ALA A 57 8.60 12.99 -2.67
C ALA A 57 9.83 12.69 -1.80
N LEU A 58 10.04 13.53 -0.82
CA LEU A 58 11.16 13.38 0.09
C LEU A 58 10.96 12.15 0.95
N ARG A 59 9.73 11.99 1.43
CA ARG A 59 9.40 10.86 2.28
C ARG A 59 9.77 9.54 1.60
N GLU A 60 9.56 9.47 0.30
CA GLU A 60 9.83 8.25 -0.44
C GLU A 60 11.33 7.95 -0.55
N VAL A 61 12.15 8.95 -0.91
CA VAL A 61 13.58 8.75 -1.02
C VAL A 61 14.15 8.31 0.32
N TYR A 62 13.79 9.02 1.38
CA TYR A 62 14.41 8.75 2.68
C TYR A 62 13.80 7.53 3.36
N ALA A 63 12.63 7.09 2.90
CA ALA A 63 12.11 5.80 3.33
C ALA A 63 13.00 4.71 2.77
N HIS A 64 13.39 4.88 1.52
CA HIS A 64 14.27 3.94 0.85
C HIS A 64 15.64 3.89 1.51
N ALA A 65 16.13 5.06 1.94
CA ALA A 65 17.41 5.17 2.61
C ALA A 65 17.48 4.26 3.85
N VAL A 66 16.34 4.08 4.50
CA VAL A 66 16.25 3.27 5.71
C VAL A 66 16.01 1.80 5.39
N LEU A 67 15.09 1.52 4.46
CA LEU A 67 14.51 0.18 4.36
C LEU A 67 15.37 -0.88 3.66
N GLY A 68 16.00 -0.53 2.54
CA GLY A 68 16.82 -1.50 1.83
C GLY A 68 16.02 -2.43 0.93
N GLN A 69 15.86 -3.69 1.34
CA GLN A 69 15.21 -4.70 0.50
C GLN A 69 14.41 -5.73 1.31
N HIS A 70 13.20 -6.03 0.84
CA HIS A 70 12.34 -7.02 1.49
C HIS A 70 11.39 -7.60 0.43
N SER A 71 11.03 -8.87 0.59
CA SER A 71 10.28 -9.58 -0.44
C SER A 71 8.83 -9.11 -0.59
N HIS A 72 8.32 -8.39 0.40
CA HIS A 72 6.94 -7.90 0.37
C HIS A 72 6.89 -6.38 0.39
N VAL A 73 7.97 -5.77 -0.08
CA VAL A 73 8.01 -4.34 -0.35
C VAL A 73 8.59 -4.14 -1.75
N VAL A 74 7.94 -3.32 -2.57
CA VAL A 74 8.44 -3.05 -3.91
C VAL A 74 9.84 -2.46 -3.80
N ARG A 75 10.78 -3.11 -4.41
CA ARG A 75 12.17 -2.68 -4.35
C ARG A 75 12.43 -1.40 -5.06
N TYR A 76 13.24 -0.57 -4.45
CA TYR A 76 13.64 0.69 -5.00
C TYR A 76 15.07 0.56 -5.48
N PHE A 77 15.35 1.05 -6.67
CA PHE A 77 16.65 0.97 -7.28
C PHE A 77 17.38 2.30 -7.34
N SER A 78 16.74 3.31 -7.90
CA SER A 78 17.33 4.62 -7.98
C SER A 78 16.31 5.70 -8.15
N ALA A 79 16.76 6.91 -7.92
CA ALA A 79 15.96 8.10 -8.07
C ALA A 79 16.87 9.25 -8.46
N TRP A 80 16.42 10.03 -9.42
CA TRP A 80 17.20 11.18 -9.85
C TRP A 80 16.27 12.23 -10.46
N ALA A 81 16.83 13.40 -10.76
CA ALA A 81 16.06 14.48 -11.36
C ALA A 81 16.82 15.07 -12.53
N GLU A 82 16.06 15.47 -13.55
CA GLU A 82 16.61 16.10 -14.74
C GLU A 82 15.48 16.75 -15.52
N ASP A 83 15.77 17.84 -16.21
CA ASP A 83 14.79 18.50 -17.07
C ASP A 83 13.60 18.99 -16.26
N ASP A 84 13.86 19.39 -15.01
CA ASP A 84 12.82 19.78 -14.07
C ASP A 84 11.80 18.67 -13.84
N HIS A 85 12.22 17.43 -14.06
CA HIS A 85 11.42 16.26 -13.75
C HIS A 85 12.12 15.41 -12.69
N MET A 86 11.33 14.69 -11.90
CA MET A 86 11.86 13.67 -11.00
C MET A 86 11.63 12.31 -11.63
N LEU A 87 12.52 11.40 -11.34
CA LEU A 87 12.40 10.03 -11.80
C LEU A 87 12.69 9.02 -10.70
N ILE A 88 11.83 8.05 -10.55
CA ILE A 88 12.01 7.00 -9.54
C ILE A 88 11.94 5.63 -10.21
N GLN A 89 13.02 4.86 -10.09
CA GLN A 89 13.12 3.54 -10.70
C GLN A 89 12.84 2.43 -9.68
N ASN A 90 11.73 1.73 -9.87
CA ASN A 90 11.34 0.65 -8.97
C ASN A 90 11.26 -0.70 -9.68
N GLU A 91 11.22 -1.75 -8.87
CA GLU A 91 10.89 -3.09 -9.32
C GLU A 91 9.62 -3.06 -10.17
N TYR A 92 9.55 -3.88 -11.21
CA TYR A 92 8.33 -4.04 -11.99
C TYR A 92 7.59 -5.30 -11.57
N CYS A 93 6.39 -5.12 -11.04
CA CYS A 93 5.53 -6.22 -10.65
C CYS A 93 4.55 -6.49 -11.78
N ASN A 94 4.67 -7.65 -12.40
CA ASN A 94 3.97 -7.95 -13.64
C ASN A 94 2.46 -8.18 -13.47
N GLY A 95 1.98 -8.20 -12.24
CA GLY A 95 0.58 -8.45 -11.95
C GLY A 95 -0.24 -7.20 -11.72
N GLY A 96 0.38 -6.04 -11.86
CA GLY A 96 -0.29 -4.79 -11.58
C GLY A 96 -0.55 -4.63 -10.09
N SER A 97 -1.50 -3.77 -9.75
CA SER A 97 -1.86 -3.55 -8.36
C SER A 97 -3.04 -4.43 -7.96
N LEU A 98 -3.26 -4.53 -6.64
CA LEU A 98 -4.41 -5.27 -6.15
C LEU A 98 -5.70 -4.61 -6.63
N ALA A 99 -5.67 -3.29 -6.76
CA ALA A 99 -6.82 -2.55 -7.26
C ALA A 99 -7.18 -3.01 -8.68
N ASP A 100 -6.16 -3.15 -9.52
CA ASP A 100 -6.35 -3.65 -10.88
C ASP A 100 -6.96 -5.05 -10.88
N ALA A 101 -6.44 -5.91 -10.01
CA ALA A 101 -6.93 -7.27 -9.90
C ALA A 101 -8.38 -7.30 -9.46
N ILE A 102 -8.72 -6.47 -8.50
CA ILE A 102 -10.09 -6.37 -8.00
C ILE A 102 -11.03 -5.94 -9.11
N SER A 103 -10.62 -4.94 -9.89
CA SER A 103 -11.44 -4.44 -10.99
C SER A 103 -11.64 -5.53 -12.04
N GLU A 104 -10.58 -6.26 -12.34
CA GLU A 104 -10.65 -7.33 -13.32
C GLU A 104 -11.54 -8.46 -12.82
N ASN A 105 -11.42 -8.80 -11.53
CA ASN A 105 -12.29 -9.78 -10.91
C ASN A 105 -13.76 -9.44 -11.12
N TYR A 106 -14.10 -8.19 -10.82
CA TYR A 106 -15.46 -7.71 -10.98
C TYR A 106 -15.90 -7.81 -12.45
N ARG A 107 -14.99 -7.52 -13.38
CA ARG A 107 -15.35 -7.54 -14.80
C ARG A 107 -15.75 -8.93 -15.29
N ILE A 108 -14.86 -9.90 -15.09
CA ILE A 108 -15.09 -11.26 -15.60
C ILE A 108 -15.74 -12.15 -14.54
N MET A 109 -16.36 -11.50 -13.55
CA MET A 109 -16.89 -12.13 -12.34
C MET A 109 -16.11 -13.37 -11.90
N SER A 110 -14.83 -13.15 -11.57
CA SER A 110 -14.04 -14.11 -10.82
C SER A 110 -13.96 -13.59 -9.38
N TYR A 111 -13.10 -14.19 -8.56
CA TYR A 111 -12.98 -13.77 -7.18
C TYR A 111 -11.77 -14.39 -6.50
N PHE A 112 -11.34 -13.77 -5.40
CA PHE A 112 -10.31 -14.35 -4.55
C PHE A 112 -10.95 -15.31 -3.57
N LYS A 113 -10.46 -16.55 -3.54
CA LYS A 113 -10.96 -17.54 -2.62
C LYS A 113 -10.70 -17.07 -1.20
N GLU A 114 -11.38 -17.64 -0.20
CA GLU A 114 -11.13 -17.23 1.18
C GLU A 114 -9.67 -17.45 1.53
N ALA A 115 -9.11 -18.54 1.01
CA ALA A 115 -7.71 -18.85 1.22
C ALA A 115 -6.83 -17.74 0.66
N GLU A 116 -7.19 -17.24 -0.51
CA GLU A 116 -6.40 -16.22 -1.17
C GLU A 116 -6.45 -14.89 -0.41
N LEU A 117 -7.55 -14.63 0.28
CA LEU A 117 -7.65 -13.45 1.12
C LEU A 117 -6.71 -13.54 2.31
N LYS A 118 -6.63 -14.73 2.90
CA LYS A 118 -5.75 -14.95 4.05
C LYS A 118 -4.29 -14.85 3.64
N ASP A 119 -3.98 -15.33 2.44
CA ASP A 119 -2.62 -15.25 1.90
C ASP A 119 -2.23 -13.79 1.65
N LEU A 120 -3.18 -13.01 1.12
CA LEU A 120 -2.97 -11.59 0.90
C LEU A 120 -2.69 -10.88 2.23
N LEU A 121 -3.49 -11.21 3.24
CA LEU A 121 -3.37 -10.56 4.54
C LEU A 121 -2.02 -10.87 5.19
N LEU A 122 -1.58 -12.12 5.08
CA LEU A 122 -0.34 -12.54 5.69
C LEU A 122 0.87 -11.89 5.01
N GLN A 123 0.85 -11.84 3.70
CA GLN A 123 1.98 -11.31 2.93
C GLN A 123 2.19 -9.82 3.14
N VAL A 124 1.11 -9.03 3.04
CA VAL A 124 1.23 -7.60 3.28
C VAL A 124 1.55 -7.38 4.76
N GLY A 125 1.02 -8.24 5.61
CA GLY A 125 1.31 -8.18 7.03
C GLY A 125 2.81 -8.32 7.31
N ARG A 126 3.46 -9.20 6.55
CA ARG A 126 4.90 -9.39 6.66
C ARG A 126 5.66 -8.15 6.22
N GLY A 127 5.16 -7.50 5.16
CA GLY A 127 5.73 -6.25 4.70
C GLY A 127 5.64 -5.18 5.79
N LEU A 128 4.47 -5.07 6.40
CA LEU A 128 4.25 -4.11 7.47
C LEU A 128 5.15 -4.38 8.68
N ARG A 129 5.27 -5.65 9.06
CA ARG A 129 6.10 -5.99 10.20
C ARG A 129 7.52 -5.49 9.99
N TYR A 130 8.02 -5.63 8.77
CA TYR A 130 9.37 -5.18 8.46
C TYR A 130 9.45 -3.66 8.55
N ILE A 131 8.52 -2.97 7.89
CA ILE A 131 8.52 -1.51 7.88
C ILE A 131 8.42 -0.98 9.31
N HIS A 132 7.52 -1.58 10.10
CA HIS A 132 7.34 -1.16 11.48
C HIS A 132 8.57 -1.46 12.32
N SER A 133 9.28 -2.53 11.99
CA SER A 133 10.49 -2.91 12.72
C SER A 133 11.58 -1.86 12.51
N MET A 134 11.48 -1.12 11.42
CA MET A 134 12.45 -0.08 11.10
C MET A 134 11.98 1.29 11.59
N SER A 135 11.00 1.27 12.49
CA SER A 135 10.48 2.49 13.12
C SER A 135 9.78 3.41 12.13
N LEU A 136 9.25 2.83 11.06
CA LEU A 136 8.49 3.58 10.06
C LEU A 136 7.05 3.07 9.95
N VAL A 137 6.19 3.89 9.36
CA VAL A 137 4.82 3.51 9.07
C VAL A 137 4.49 3.93 7.66
N HIS A 138 3.64 3.16 6.98
CA HIS A 138 3.37 3.40 5.57
C HIS A 138 2.37 4.55 5.35
N MET A 139 1.27 4.51 6.10
CA MET A 139 0.27 5.57 6.17
C MET A 139 -0.56 5.76 4.90
N ASP A 140 -0.44 4.85 3.94
CA ASP A 140 -1.29 4.89 2.77
C ASP A 140 -1.54 3.50 2.19
N ILE A 141 -1.83 2.55 3.07
CA ILE A 141 -2.14 1.19 2.63
C ILE A 141 -3.55 1.16 2.02
N LYS A 142 -3.63 0.63 0.81
CA LYS A 142 -4.88 0.46 0.09
C LYS A 142 -4.59 -0.38 -1.14
N PRO A 143 -5.62 -0.92 -1.79
CA PRO A 143 -5.37 -1.83 -2.92
C PRO A 143 -4.46 -1.28 -4.01
N SER A 144 -4.58 0.01 -4.31
CA SER A 144 -3.82 0.56 -5.42
C SER A 144 -2.31 0.65 -5.11
N ASN A 145 -1.95 0.49 -3.83
CA ASN A 145 -0.56 0.57 -3.41
C ASN A 145 0.01 -0.80 -3.03
N ILE A 146 -0.77 -1.84 -3.29
CA ILE A 146 -0.29 -3.22 -3.17
C ILE A 146 -0.10 -3.80 -4.56
N PHE A 147 1.12 -4.25 -4.85
CA PHE A 147 1.45 -4.75 -6.18
C PHE A 147 1.67 -6.25 -6.19
N ILE A 148 1.50 -6.83 -7.37
CA ILE A 148 1.45 -8.28 -7.54
C ILE A 148 2.50 -8.76 -8.53
N SER A 149 3.31 -9.72 -8.10
CA SER A 149 4.27 -10.38 -8.97
C SER A 149 3.83 -11.83 -9.21
N ARG A 150 3.83 -12.23 -10.48
CA ARG A 150 3.35 -13.55 -10.89
C ARG A 150 1.93 -13.79 -10.39
N LYS A 170 1.20 -19.05 -7.22
CA LYS A 170 2.52 -18.58 -7.60
C LYS A 170 2.61 -17.05 -7.48
N VAL A 171 2.08 -16.49 -6.39
CA VAL A 171 1.83 -15.05 -6.32
C VAL A 171 2.49 -14.37 -5.11
N MET A 172 3.06 -13.19 -5.36
CA MET A 172 3.74 -12.40 -4.34
C MET A 172 3.12 -11.00 -4.23
N PHE A 173 2.70 -10.62 -3.03
CA PHE A 173 2.16 -9.28 -2.79
C PHE A 173 3.22 -8.39 -2.17
N LYS A 174 3.35 -7.18 -2.71
CA LYS A 174 4.40 -6.25 -2.28
C LYS A 174 3.83 -4.85 -2.02
N ILE A 175 4.26 -4.25 -0.92
CA ILE A 175 3.85 -2.89 -0.57
C ILE A 175 4.64 -1.87 -1.37
N GLY A 176 3.92 -0.95 -2.03
CA GLY A 176 4.52 0.11 -2.81
C GLY A 176 4.03 1.50 -2.43
N ASP A 177 4.46 2.49 -3.22
CA ASP A 177 4.10 3.90 -3.02
C ASP A 177 4.39 4.42 -1.61
N LEU A 178 5.66 4.72 -1.36
CA LEU A 178 6.14 5.05 -0.01
C LEU A 178 6.12 6.55 0.26
N GLY A 179 5.31 7.28 -0.51
CA GLY A 179 5.27 8.73 -0.44
C GLY A 179 4.68 9.29 0.84
N HIS A 180 3.97 8.45 1.60
CA HIS A 180 3.38 8.88 2.87
C HIS A 180 4.13 8.30 4.08
N VAL A 181 5.21 7.57 3.82
CA VAL A 181 5.97 6.92 4.89
C VAL A 181 6.52 7.99 5.83
N THR A 182 6.36 7.75 7.12
CA THR A 182 6.86 8.66 8.13
C THR A 182 7.36 7.90 9.35
N ARG A 183 7.99 8.62 10.26
CA ARG A 183 8.59 8.03 11.44
C ARG A 183 7.55 7.81 12.54
N ILE A 184 7.70 6.73 13.30
CA ILE A 184 6.80 6.46 14.42
C ILE A 184 7.00 7.53 15.50
N SER A 185 8.25 7.92 15.72
CA SER A 185 8.59 8.87 16.77
C SER A 185 8.08 10.28 16.48
N SER A 186 8.71 10.95 15.51
CA SER A 186 8.34 12.31 15.13
C SER A 186 7.79 12.32 13.71
N PRO A 187 6.51 11.93 13.55
CA PRO A 187 5.88 11.81 12.22
C PRO A 187 5.49 13.13 11.58
N GLN A 188 5.78 13.28 10.30
CA GLN A 188 5.15 14.32 9.48
C GLN A 188 3.99 13.66 8.73
N VAL A 189 2.80 13.72 9.33
CA VAL A 189 1.66 12.94 8.84
C VAL A 189 0.91 13.65 7.73
N GLU A 190 1.14 13.17 6.51
CA GLU A 190 0.24 13.42 5.41
C GLU A 190 -0.79 12.29 5.42
N GLU A 191 -2.03 12.62 5.75
CA GLU A 191 -3.08 11.61 5.85
C GLU A 191 -3.30 10.90 4.53
N GLY A 192 -3.58 9.60 4.60
CA GLY A 192 -3.84 8.80 3.41
C GLY A 192 -5.27 8.93 2.96
N ASP A 193 -5.62 8.15 1.95
CA ASP A 193 -6.99 8.04 1.43
C ASP A 193 -8.01 7.95 2.58
N SER A 194 -9.01 8.81 2.55
CA SER A 194 -10.00 8.88 3.64
C SER A 194 -10.76 7.57 3.79
N ARG A 195 -10.87 6.82 2.70
CA ARG A 195 -11.62 5.57 2.69
C ARG A 195 -10.98 4.53 3.61
N PHE A 196 -9.68 4.64 3.82
CA PHE A 196 -8.92 3.64 4.57
C PHE A 196 -8.32 4.21 5.85
N LEU A 197 -8.71 5.43 6.19
CA LEU A 197 -8.10 6.16 7.29
C LEU A 197 -8.77 5.86 8.63
N ALA A 198 -7.96 5.54 9.64
CA ALA A 198 -8.46 5.30 10.99
C ALA A 198 -8.84 6.61 11.66
N ASN A 199 -9.86 6.57 12.51
CA ASN A 199 -10.40 7.79 13.10
C ASN A 199 -9.40 8.53 13.96
N GLU A 200 -8.56 7.78 14.67
CA GLU A 200 -7.63 8.42 15.61
C GLU A 200 -6.61 9.27 14.85
N VAL A 201 -6.32 8.91 13.61
CA VAL A 201 -5.41 9.71 12.79
C VAL A 201 -6.11 10.98 12.36
N LEU A 202 -7.39 10.86 12.00
CA LEU A 202 -8.23 12.01 11.70
C LEU A 202 -8.27 12.94 12.92
N GLN A 203 -8.28 12.33 14.10
CA GLN A 203 -8.32 13.07 15.37
C GLN A 203 -6.95 13.64 15.75
N GLU A 204 -5.98 13.45 14.87
CA GLU A 204 -4.63 13.95 15.06
C GLU A 204 -3.96 13.28 16.26
N ASN A 205 -4.32 12.02 16.49
CA ASN A 205 -3.67 11.16 17.48
C ASN A 205 -2.67 10.26 16.79
N TYR A 206 -1.38 10.57 16.92
CA TYR A 206 -0.32 9.85 16.22
C TYR A 206 0.54 9.00 17.16
N THR A 207 -0.04 8.56 18.26
CA THR A 207 0.73 7.80 19.26
C THR A 207 0.78 6.30 18.97
N HIS A 208 -0.02 5.83 18.02
CA HIS A 208 0.00 4.43 17.62
C HIS A 208 -0.22 4.28 16.11
N LEU A 209 0.62 4.94 15.33
CA LEU A 209 0.47 4.96 13.88
C LEU A 209 0.57 3.57 13.21
N PRO A 210 1.40 2.67 13.76
CA PRO A 210 1.42 1.33 13.15
C PRO A 210 0.04 0.66 13.08
N LYS A 211 -0.80 0.96 14.06
CA LYS A 211 -2.14 0.38 14.11
C LYS A 211 -3.05 1.02 13.07
N ALA A 212 -2.66 2.18 12.55
CA ALA A 212 -3.37 2.80 11.43
C ALA A 212 -3.12 2.02 10.15
N ASP A 213 -1.90 1.50 9.99
CA ASP A 213 -1.60 0.64 8.85
C ASP A 213 -2.42 -0.64 8.95
N ILE A 214 -2.58 -1.15 10.18
CA ILE A 214 -3.32 -2.38 10.42
C ILE A 214 -4.79 -2.19 10.05
N PHE A 215 -5.35 -1.06 10.48
CA PHE A 215 -6.73 -0.69 10.14
C PHE A 215 -6.91 -0.70 8.62
N ALA A 216 -5.99 -0.05 7.92
CA ALA A 216 -6.08 0.10 6.47
C ALA A 216 -5.93 -1.23 5.74
N LEU A 217 -5.12 -2.13 6.28
CA LEU A 217 -4.91 -3.44 5.66
C LEU A 217 -6.17 -4.28 5.75
N ALA A 218 -6.86 -4.21 6.88
CA ALA A 218 -8.10 -4.96 7.03
C ALA A 218 -9.12 -4.54 5.97
N LEU A 219 -9.29 -3.23 5.79
CA LEU A 219 -10.23 -2.73 4.79
C LEU A 219 -9.75 -3.06 3.37
N THR A 220 -8.43 -3.12 3.19
CA THR A 220 -7.87 -3.51 1.90
C THR A 220 -8.28 -4.94 1.56
N VAL A 221 -8.27 -5.81 2.55
CA VAL A 221 -8.64 -7.20 2.34
C VAL A 221 -10.15 -7.28 2.09
N VAL A 222 -10.91 -6.47 2.81
CA VAL A 222 -12.36 -6.44 2.62
C VAL A 222 -12.71 -6.03 1.19
N CYS A 223 -11.92 -5.10 0.62
CA CYS A 223 -12.12 -4.71 -0.77
C CYS A 223 -11.85 -5.90 -1.68
N ALA A 224 -10.76 -6.60 -1.42
CA ALA A 224 -10.38 -7.75 -2.22
C ALA A 224 -11.46 -8.83 -2.13
N ALA A 225 -12.16 -8.86 -1.00
CA ALA A 225 -13.19 -9.85 -0.75
C ALA A 225 -14.50 -9.50 -1.45
N GLY A 226 -14.52 -8.39 -2.19
CA GLY A 226 -15.65 -8.04 -3.02
C GLY A 226 -16.71 -7.19 -2.34
N ALA A 227 -16.35 -6.54 -1.24
CA ALA A 227 -17.25 -5.61 -0.58
C ALA A 227 -17.57 -4.45 -1.53
N GLU A 228 -18.70 -3.78 -1.29
CA GLU A 228 -19.04 -2.60 -2.06
C GLU A 228 -18.00 -1.50 -1.83
N PRO A 229 -17.94 -0.51 -2.73
CA PRO A 229 -16.97 0.59 -2.60
C PRO A 229 -17.05 1.28 -1.23
N LEU A 230 -15.90 1.52 -0.62
CA LEU A 230 -15.86 2.12 0.71
C LEU A 230 -16.22 3.61 0.66
N PRO A 231 -16.85 4.13 1.73
CA PRO A 231 -17.28 5.54 1.77
C PRO A 231 -16.14 6.52 2.05
N ARG A 232 -16.20 7.69 1.44
CA ARG A 232 -15.21 8.74 1.64
C ARG A 232 -15.49 9.51 2.94
N ASN A 233 -16.75 9.50 3.36
CA ASN A 233 -17.19 10.16 4.59
C ASN A 233 -18.67 9.90 4.83
N GLY A 234 -19.26 10.62 5.78
CA GLY A 234 -20.67 10.50 6.07
C GLY A 234 -20.97 9.39 7.05
N ASP A 235 -22.22 8.94 7.07
CA ASP A 235 -22.69 7.97 8.06
C ASP A 235 -21.96 6.63 7.94
N GLN A 236 -21.99 6.03 6.75
CA GLN A 236 -21.32 4.76 6.50
C GLN A 236 -19.87 4.80 6.96
N TRP A 237 -19.21 5.94 6.75
CA TRP A 237 -17.81 6.11 7.11
C TRP A 237 -17.63 5.96 8.62
N HIS A 238 -18.46 6.66 9.39
CA HIS A 238 -18.37 6.62 10.84
C HIS A 238 -18.74 5.24 11.36
N GLU A 239 -19.72 4.61 10.72
CA GLU A 239 -20.17 3.28 11.13
C GLU A 239 -19.00 2.29 11.11
N ILE A 240 -18.15 2.40 10.10
CA ILE A 240 -16.98 1.52 9.98
C ILE A 240 -16.02 1.74 11.14
N ARG A 241 -15.78 2.99 11.49
CA ARG A 241 -14.82 3.32 12.54
C ARG A 241 -15.35 2.95 13.92
N GLN A 242 -16.62 2.56 13.98
CA GLN A 242 -17.20 2.01 15.21
C GLN A 242 -16.85 0.52 15.32
N GLY A 243 -16.12 0.00 14.35
CA GLY A 243 -15.68 -1.37 14.35
C GLY A 243 -16.60 -2.30 13.58
N ARG A 244 -17.46 -1.72 12.74
CA ARG A 244 -18.40 -2.49 11.93
C ARG A 244 -17.85 -2.76 10.53
N LEU A 245 -17.66 -4.04 10.20
CA LEU A 245 -17.15 -4.43 8.88
C LEU A 245 -18.12 -4.10 7.77
N PRO A 246 -17.62 -3.74 6.58
CA PRO A 246 -18.53 -3.66 5.44
C PRO A 246 -19.09 -5.03 5.04
N ARG A 247 -20.17 -5.02 4.27
CA ARG A 247 -20.83 -6.25 3.84
C ARG A 247 -19.91 -7.01 2.89
N ILE A 248 -19.93 -8.33 2.98
CA ILE A 248 -19.02 -9.18 2.22
C ILE A 248 -19.78 -10.37 1.62
N PRO A 249 -19.75 -10.53 0.29
CA PRO A 249 -20.58 -11.57 -0.34
C PRO A 249 -19.96 -12.96 -0.24
N GLN A 250 -18.64 -13.00 -0.10
CA GLN A 250 -17.94 -14.26 0.13
C GLN A 250 -18.45 -14.95 1.38
N VAL A 251 -18.47 -16.28 1.36
CA VAL A 251 -18.73 -17.04 2.58
C VAL A 251 -17.41 -17.18 3.34
N LEU A 252 -17.14 -16.23 4.23
CA LEU A 252 -15.94 -16.26 5.05
C LEU A 252 -16.24 -16.87 6.41
N SER A 253 -15.27 -17.62 6.92
CA SER A 253 -15.38 -18.21 8.25
C SER A 253 -15.60 -17.12 9.30
N GLN A 254 -16.31 -17.49 10.36
CA GLN A 254 -16.56 -16.56 11.45
C GLN A 254 -15.26 -16.12 12.11
N GLU A 255 -14.26 -17.00 12.06
CA GLU A 255 -12.98 -16.75 12.70
C GLU A 255 -12.17 -15.72 11.92
N PHE A 256 -12.08 -15.90 10.61
CA PHE A 256 -11.38 -14.95 9.76
C PHE A 256 -12.09 -13.60 9.82
N THR A 257 -13.42 -13.65 9.82
CA THR A 257 -14.24 -12.45 9.95
C THR A 257 -13.93 -11.71 11.26
N GLU A 258 -13.77 -12.45 12.34
CA GLU A 258 -13.51 -11.86 13.63
C GLU A 258 -12.14 -11.19 13.65
N LEU A 259 -11.19 -11.76 12.91
CA LEU A 259 -9.86 -11.18 12.84
C LEU A 259 -9.89 -9.85 12.11
N LEU A 260 -10.69 -9.76 11.06
CA LEU A 260 -10.79 -8.52 10.30
C LEU A 260 -11.49 -7.44 11.13
N LYS A 261 -12.41 -7.86 12.00
CA LYS A 261 -13.16 -6.92 12.81
C LYS A 261 -12.29 -6.26 13.89
N VAL A 262 -11.46 -7.06 14.56
CA VAL A 262 -10.60 -6.52 15.61
C VAL A 262 -9.53 -5.62 14.98
N MET A 263 -9.24 -5.84 13.70
CA MET A 263 -8.26 -5.01 13.01
C MET A 263 -8.78 -3.60 12.79
N ILE A 264 -10.09 -3.40 12.86
CA ILE A 264 -10.68 -2.07 12.72
C ILE A 264 -11.37 -1.63 14.02
N HIS A 265 -10.94 -2.22 15.13
CA HIS A 265 -11.48 -1.86 16.44
C HIS A 265 -11.20 -0.38 16.73
N PRO A 266 -12.19 0.36 17.28
CA PRO A 266 -12.02 1.78 17.58
C PRO A 266 -10.77 2.10 18.40
N ASP A 267 -10.45 1.21 19.34
CA ASP A 267 -9.25 1.34 20.17
C ASP A 267 -8.06 0.73 19.43
N PRO A 268 -7.13 1.59 18.94
CA PRO A 268 -6.03 1.03 18.16
C PRO A 268 -5.14 0.07 18.94
N GLU A 269 -5.17 0.13 20.26
CA GLU A 269 -4.35 -0.77 21.07
C GLU A 269 -4.93 -2.18 21.13
N ARG A 270 -6.19 -2.29 20.75
CA ARG A 270 -6.87 -3.57 20.70
C ARG A 270 -6.61 -4.26 19.34
N ARG A 271 -6.22 -3.48 18.34
CA ARG A 271 -5.79 -4.02 17.06
C ARG A 271 -4.46 -4.76 17.22
N PRO A 272 -4.28 -5.85 16.47
CA PRO A 272 -3.00 -6.56 16.56
C PRO A 272 -1.88 -5.79 15.89
N SER A 273 -0.68 -5.89 16.45
CA SER A 273 0.51 -5.37 15.77
C SER A 273 0.74 -6.21 14.52
N ALA A 274 1.62 -5.73 13.65
CA ALA A 274 1.94 -6.46 12.44
C ALA A 274 2.54 -7.81 12.80
N MET A 275 3.35 -7.84 13.86
CA MET A 275 4.04 -9.07 14.21
C MET A 275 3.07 -10.06 14.87
N ALA A 276 2.09 -9.54 15.61
CA ALA A 276 1.05 -10.38 16.18
C ALA A 276 0.17 -10.94 15.07
N LEU A 277 0.00 -10.14 14.02
CA LEU A 277 -0.84 -10.54 12.89
C LEU A 277 -0.24 -11.73 12.14
N VAL A 278 1.05 -11.64 11.80
CA VAL A 278 1.68 -12.67 10.97
C VAL A 278 1.86 -14.01 11.67
N LYS A 279 1.77 -14.02 12.99
CA LYS A 279 1.88 -15.26 13.77
C LYS A 279 0.52 -15.72 14.29
N HIS A 280 -0.53 -15.26 13.63
CA HIS A 280 -1.90 -15.59 14.02
C HIS A 280 -2.31 -16.94 13.43
N SER A 281 -3.07 -17.71 14.20
CA SER A 281 -3.50 -19.03 13.76
C SER A 281 -4.34 -19.08 12.52
N VAL A 282 -5.26 -18.15 12.37
CA VAL A 282 -6.13 -18.20 11.22
C VAL A 282 -5.35 -18.02 9.95
N LEU A 283 -4.23 -17.31 10.04
CA LEU A 283 -3.38 -17.01 8.89
C LEU A 283 -2.42 -18.10 8.63
N LEU A 284 -1.81 -18.59 9.67
CA LEU A 284 -0.88 -19.65 9.52
C LEU A 284 -1.68 -20.86 9.02
N SER A 285 -1.22 -21.53 7.99
CA SER A 285 0.04 -21.23 7.33
C SER A 285 -0.14 -20.25 6.17
#